data_4TZN
#
_entry.id   4TZN
#
_cell.length_a   165.820
_cell.length_b   38.310
_cell.length_c   103.820
_cell.angle_alpha   90.00
_cell.angle_beta   126.24
_cell.angle_gamma   90.00
#
_symmetry.space_group_name_H-M   'C 1 2 1'
#
loop_
_entity.id
_entity.type
_entity.pdbx_description
1 polymer 'Protein HTP-2'
2 polymer 'Protein HTP-3'
#
loop_
_entity_poly.entity_id
_entity_poly.type
_entity_poly.pdbx_seq_one_letter_code
_entity_poly.pdbx_strand_id
1 'polypeptide(L)'
;MAPLENNYNESLNKSKDAIDDKTWSKLFPSIVSDPDRSSNFMIRAIYVVFSAVLRQRNILEKEYFSKNYITENLSCMTLS
FKNLRAHQIAQLLRAAGDATKDGFLKEISLVVTEHDGDVEAIEVFSMKFIYFENGGVVARLSTDNNDQEDPHFAELAQLR
YEGAESVRDQMVTIVRSVQFLCTKVLEPLPAEFTANFRLKYTNDAPSNFRIDGFDDSSTFYTLPDGIQSVTIGHLRPGHH
AAHMQCWSKSMSD
;
A,B
2 'polypeptide(L)' AMRYGQSPNMPSRRGN C,D
#
# COMPACT_ATOMS: atom_id res chain seq x y z
N ASP A 17 1.05 -8.88 -3.14
CA ASP A 17 1.64 -7.87 -2.28
C ASP A 17 3.15 -7.76 -2.49
N ALA A 18 3.54 -7.01 -3.53
CA ALA A 18 4.95 -6.82 -3.85
C ALA A 18 5.15 -5.51 -4.62
N ILE A 19 6.37 -4.98 -4.54
CA ILE A 19 6.68 -3.72 -5.21
C ILE A 19 7.29 -3.95 -6.59
N ASP A 20 6.63 -3.42 -7.62
CA ASP A 20 7.13 -3.54 -8.98
C ASP A 20 7.85 -2.27 -9.44
N ASP A 21 8.89 -1.89 -8.70
CA ASP A 21 9.69 -0.71 -9.05
C ASP A 21 11.16 -1.10 -9.32
N LYS A 22 11.73 -0.56 -10.39
CA LYS A 22 13.13 -0.83 -10.72
C LYS A 22 14.06 -0.14 -9.72
N THR A 23 13.74 1.10 -9.40
CA THR A 23 14.56 1.90 -8.50
C THR A 23 14.58 1.31 -7.09
N TRP A 24 13.46 0.70 -6.71
CA TRP A 24 13.30 0.17 -5.36
C TRP A 24 14.11 -1.11 -5.12
N SER A 25 14.16 -1.97 -6.13
CA SER A 25 14.81 -3.27 -6.00
C SER A 25 16.33 -3.16 -5.90
N LYS A 26 16.87 -2.01 -6.27
CA LYS A 26 18.31 -1.81 -6.23
C LYS A 26 18.83 -1.71 -4.80
N LEU A 27 17.97 -1.26 -3.89
CA LEU A 27 18.38 -1.04 -2.50
C LEU A 27 17.56 -1.83 -1.49
N PHE A 28 16.33 -2.17 -1.86
CA PHE A 28 15.41 -2.83 -0.92
C PHE A 28 14.82 -4.11 -1.48
N PRO A 29 14.38 -5.02 -0.59
CA PRO A 29 13.61 -6.20 -1.02
C PRO A 29 12.23 -5.81 -1.53
N SER A 30 11.76 -6.46 -2.58
CA SER A 30 10.48 -6.15 -3.19
C SER A 30 9.31 -6.65 -2.36
N ILE A 31 9.57 -7.65 -1.53
CA ILE A 31 8.55 -8.18 -0.62
C ILE A 31 9.04 -8.06 0.81
N VAL A 32 8.19 -7.58 1.70
CA VAL A 32 8.55 -7.38 3.09
C VAL A 32 7.53 -8.02 4.03
N SER A 33 6.70 -8.90 3.49
CA SER A 33 5.63 -9.51 4.27
C SER A 33 6.19 -10.53 5.28
N ASP A 34 6.96 -11.49 4.79
CA ASP A 34 7.53 -12.56 5.61
C ASP A 34 8.55 -12.04 6.63
N PRO A 35 8.81 -12.80 7.71
CA PRO A 35 9.70 -12.32 8.77
C PRO A 35 11.11 -11.98 8.29
N ASP A 36 11.73 -12.85 7.50
CA ASP A 36 13.10 -12.66 7.07
C ASP A 36 13.29 -11.39 6.24
N ARG A 37 12.52 -11.26 5.16
CA ARG A 37 12.64 -10.08 4.31
C ARG A 37 12.20 -8.82 5.04
N SER A 38 11.38 -8.97 6.06
CA SER A 38 10.99 -7.86 6.90
C SER A 38 12.19 -7.32 7.66
N SER A 39 12.92 -8.24 8.29
CA SER A 39 14.13 -7.87 9.03
C SER A 39 15.21 -7.37 8.07
N ASN A 40 15.30 -8.02 6.91
CA ASN A 40 16.22 -7.57 5.86
C ASN A 40 15.92 -6.14 5.45
N PHE A 41 14.64 -5.84 5.28
CA PHE A 41 14.23 -4.48 4.93
C PHE A 41 14.65 -3.50 6.01
N MET A 42 14.52 -3.93 7.26
CA MET A 42 14.94 -3.10 8.39
C MET A 42 16.43 -2.79 8.32
N ILE A 43 17.22 -3.79 7.94
CA ILE A 43 18.66 -3.62 7.78
C ILE A 43 18.97 -2.56 6.72
N ARG A 44 18.42 -2.77 5.53
CA ARG A 44 18.62 -1.85 4.42
C ARG A 44 18.12 -0.45 4.78
N ALA A 45 17.00 -0.40 5.50
CA ALA A 45 16.43 0.86 5.96
C ALA A 45 17.42 1.62 6.83
N ILE A 46 17.96 0.92 7.84
CA ILE A 46 18.94 1.50 8.74
C ILE A 46 20.14 2.06 7.98
N TYR A 47 20.62 1.28 7.01
CA TYR A 47 21.70 1.69 6.14
C TYR A 47 21.38 3.00 5.43
N VAL A 48 20.28 2.99 4.69
CA VAL A 48 19.89 4.13 3.87
C VAL A 48 19.65 5.39 4.70
N VAL A 49 18.84 5.26 5.73
CA VAL A 49 18.43 6.42 6.53
C VAL A 49 19.62 7.05 7.25
N PHE A 50 20.43 6.22 7.90
CA PHE A 50 21.59 6.73 8.64
C PHE A 50 22.69 7.24 7.71
N SER A 51 22.76 6.70 6.50
CA SER A 51 23.66 7.23 5.48
C SER A 51 23.20 8.63 5.10
N ALA A 52 21.89 8.77 4.93
CA ALA A 52 21.29 10.07 4.61
C ALA A 52 21.58 11.08 5.70
N VAL A 53 21.38 10.67 6.95
CA VAL A 53 21.66 11.53 8.09
C VAL A 53 23.13 11.96 8.11
N LEU A 54 24.03 11.02 7.88
CA LEU A 54 25.48 11.29 7.91
C LEU A 54 25.91 12.30 6.86
N ARG A 55 25.35 12.19 5.65
CA ARG A 55 25.72 13.10 4.56
C ARG A 55 25.02 14.45 4.69
N GLN A 56 23.69 14.42 4.77
CA GLN A 56 22.89 15.64 4.84
C GLN A 56 23.31 16.55 5.99
N ARG A 57 23.80 15.95 7.07
CA ARG A 57 24.22 16.70 8.26
C ARG A 57 25.65 17.19 8.14
N ASN A 58 26.32 16.77 7.07
CA ASN A 58 27.74 17.07 6.86
C ASN A 58 28.61 16.62 8.02
N ILE A 59 28.38 15.40 8.49
CA ILE A 59 29.25 14.78 9.48
C ILE A 59 30.39 14.10 8.73
N LEU A 60 30.08 13.59 7.54
CA LEU A 60 31.07 13.06 6.63
C LEU A 60 30.97 13.75 5.29
N GLU A 61 32.11 13.95 4.64
CA GLU A 61 32.14 14.59 3.33
C GLU A 61 31.43 13.75 2.29
N LYS A 62 31.22 14.34 1.11
CA LYS A 62 30.49 13.68 0.03
C LYS A 62 31.28 12.52 -0.56
N GLU A 63 32.59 12.51 -0.35
CA GLU A 63 33.46 11.48 -0.91
C GLU A 63 33.13 10.09 -0.39
N TYR A 64 32.69 10.01 0.87
CA TYR A 64 32.36 8.74 1.49
C TYR A 64 31.06 8.16 0.94
N PHE A 65 30.26 9.02 0.32
CA PHE A 65 28.94 8.63 -0.13
C PHE A 65 28.84 8.47 -1.65
N SER A 66 28.06 7.49 -2.08
CA SER A 66 27.73 7.32 -3.48
C SER A 66 26.23 7.52 -3.67
N LYS A 67 25.85 8.23 -4.72
CA LYS A 67 24.45 8.62 -4.90
C LYS A 67 23.59 7.47 -5.40
N ASN A 68 22.47 7.24 -4.72
CA ASN A 68 21.54 6.18 -5.11
C ASN A 68 20.10 6.64 -5.17
N TYR A 69 19.27 5.82 -5.80
CA TYR A 69 17.86 6.15 -5.99
C TYR A 69 16.96 5.15 -5.29
N ILE A 70 16.13 5.66 -4.39
CA ILE A 70 15.11 4.85 -3.74
C ILE A 70 13.86 4.85 -4.61
N THR A 71 13.69 5.96 -5.33
CA THR A 71 12.56 6.15 -6.21
C THR A 71 13.03 7.04 -7.36
N GLU A 72 12.35 6.98 -8.50
CA GLU A 72 12.62 7.90 -9.60
C GLU A 72 12.47 9.35 -9.15
N ASN A 73 11.65 9.55 -8.11
CA ASN A 73 11.41 10.89 -7.57
C ASN A 73 12.54 11.40 -6.68
N LEU A 74 13.04 10.56 -5.78
CA LEU A 74 14.03 11.01 -4.80
C LEU A 74 15.38 10.32 -4.94
N SER A 75 16.43 11.04 -4.55
CA SER A 75 17.78 10.50 -4.51
C SER A 75 18.46 10.85 -3.20
N CYS A 76 19.29 9.95 -2.70
CA CYS A 76 20.06 10.21 -1.50
C CYS A 76 21.49 9.74 -1.65
N MET A 77 22.32 10.05 -0.67
CA MET A 77 23.72 9.66 -0.69
C MET A 77 23.96 8.51 0.28
N THR A 78 24.30 7.35 -0.28
CA THR A 78 24.52 6.16 0.55
C THR A 78 26.00 5.83 0.68
N LEU A 79 26.41 5.49 1.89
CA LEU A 79 27.81 5.16 2.19
C LEU A 79 28.41 4.19 1.19
N SER A 80 29.59 4.52 0.70
CA SER A 80 30.26 3.69 -0.31
C SER A 80 31.09 2.59 0.33
N PHE A 81 30.87 1.36 -0.10
CA PHE A 81 31.58 0.21 0.43
C PHE A 81 33.04 0.20 -0.02
N LYS A 82 33.30 0.83 -1.16
CA LYS A 82 34.65 0.92 -1.71
C LYS A 82 35.56 1.72 -0.78
N ASN A 83 35.07 2.86 -0.31
CA ASN A 83 35.80 3.66 0.67
C ASN A 83 35.87 2.91 1.99
N LEU A 84 37.10 2.76 2.51
CA LEU A 84 37.35 1.90 3.67
C LEU A 84 36.63 2.36 4.94
N ARG A 85 36.77 3.63 5.29
CA ARG A 85 36.14 4.14 6.50
C ARG A 85 34.62 4.05 6.40
N ALA A 86 34.09 4.42 5.25
CA ALA A 86 32.65 4.33 4.99
C ALA A 86 32.20 2.87 5.02
N HIS A 87 33.10 1.97 4.64
CA HIS A 87 32.83 0.54 4.68
C HIS A 87 32.75 0.08 6.14
N GLN A 88 33.61 0.65 6.97
CA GLN A 88 33.61 0.35 8.40
C GLN A 88 32.29 0.76 9.03
N ILE A 89 31.85 1.99 8.75
CA ILE A 89 30.58 2.47 9.27
C ILE A 89 29.42 1.65 8.72
N ALA A 90 29.54 1.24 7.46
CA ALA A 90 28.49 0.44 6.82
C ALA A 90 28.39 -0.94 7.44
N GLN A 91 29.53 -1.54 7.76
CA GLN A 91 29.52 -2.85 8.39
C GLN A 91 29.02 -2.74 9.83
N LEU A 92 29.24 -1.58 10.45
CA LEU A 92 28.71 -1.33 11.79
C LEU A 92 27.19 -1.34 11.74
N LEU A 93 26.64 -0.57 10.80
CA LEU A 93 25.19 -0.52 10.58
C LEU A 93 24.66 -1.89 10.19
N ARG A 94 25.46 -2.63 9.44
CA ARG A 94 25.07 -3.97 9.00
C ARG A 94 24.91 -4.91 10.19
N ALA A 95 25.86 -4.84 11.13
CA ALA A 95 25.80 -5.65 12.34
C ALA A 95 24.57 -5.32 13.17
N ALA A 96 24.33 -4.02 13.36
CA ALA A 96 23.19 -3.54 14.14
C ALA A 96 21.87 -3.95 13.50
N GLY A 97 21.81 -3.85 12.18
CA GLY A 97 20.62 -4.28 11.44
C GLY A 97 20.42 -5.77 11.52
N ASP A 98 21.52 -6.53 11.45
CA ASP A 98 21.46 -7.98 11.52
C ASP A 98 20.91 -8.46 12.86
N ALA A 99 21.05 -7.62 13.88
CA ALA A 99 20.58 -7.94 15.22
C ALA A 99 19.06 -8.04 15.28
N THR A 100 18.39 -7.38 14.35
CA THR A 100 16.93 -7.36 14.31
C THR A 100 16.35 -8.72 13.93
N LYS A 101 17.16 -9.56 13.29
CA LYS A 101 16.73 -10.91 12.93
C LYS A 101 16.52 -11.75 14.19
N ASP A 102 17.49 -11.69 15.10
CA ASP A 102 17.37 -12.37 16.38
C ASP A 102 16.34 -11.66 17.25
N GLY A 103 16.12 -10.38 16.97
CA GLY A 103 15.19 -9.59 17.74
C GLY A 103 15.82 -9.07 19.02
N PHE A 104 17.12 -8.80 18.96
CA PHE A 104 17.86 -8.40 20.15
C PHE A 104 18.23 -6.91 20.15
N LEU A 105 17.66 -6.14 19.24
CA LEU A 105 17.96 -4.72 19.15
C LEU A 105 16.77 -3.85 19.54
N LYS A 106 16.94 -3.08 20.60
CA LYS A 106 15.88 -2.19 21.08
C LYS A 106 15.93 -0.85 20.35
N GLU A 107 17.14 -0.34 20.16
CA GLU A 107 17.32 0.98 19.56
C GLU A 107 18.73 1.18 19.00
N ILE A 108 18.84 1.88 17.87
CA ILE A 108 20.15 2.33 17.41
C ILE A 108 20.11 3.83 17.19
N SER A 109 21.14 4.53 17.66
CA SER A 109 21.15 5.98 17.64
C SER A 109 22.47 6.56 17.20
N LEU A 110 22.41 7.53 16.30
CA LEU A 110 23.57 8.33 15.93
C LEU A 110 23.66 9.52 16.87
N VAL A 111 24.70 9.54 17.69
CA VAL A 111 24.80 10.52 18.76
C VAL A 111 25.94 11.51 18.53
N VAL A 112 25.63 12.81 18.64
CA VAL A 112 26.63 13.85 18.42
C VAL A 112 26.87 14.66 19.69
N THR A 113 28.10 14.61 20.19
CA THR A 113 28.49 15.37 21.37
C THR A 113 29.63 16.31 21.05
N GLU A 114 29.86 17.30 21.92
CA GLU A 114 30.95 18.25 21.73
C GLU A 114 32.29 17.58 22.04
N HIS A 115 32.35 16.88 23.17
CA HIS A 115 33.58 16.21 23.57
C HIS A 115 33.43 14.70 23.48
N ASP A 116 34.51 14.03 23.11
CA ASP A 116 34.51 12.57 22.96
C ASP A 116 34.30 11.89 24.30
N GLY A 117 33.25 11.08 24.39
CA GLY A 117 32.97 10.31 25.58
C GLY A 117 31.83 10.84 26.41
N ASP A 118 31.25 11.96 25.98
CA ASP A 118 30.13 12.57 26.70
C ASP A 118 28.89 11.68 26.67
N VAL A 119 28.13 11.70 27.74
CA VAL A 119 26.87 10.96 27.79
C VAL A 119 25.71 11.91 27.49
N GLU A 120 25.98 13.21 27.56
CA GLU A 120 24.98 14.21 27.21
C GLU A 120 25.24 14.72 25.80
N ALA A 121 24.28 14.49 24.91
CA ALA A 121 24.45 14.81 23.50
C ALA A 121 23.96 16.22 23.17
N ILE A 122 24.43 16.75 22.04
CA ILE A 122 23.92 18.00 21.52
C ILE A 122 22.99 17.71 20.36
N GLU A 123 23.06 16.49 19.84
CA GLU A 123 22.19 16.05 18.76
C GLU A 123 22.08 14.53 18.73
N VAL A 124 20.86 14.03 18.48
CA VAL A 124 20.59 12.60 18.44
C VAL A 124 19.63 12.23 17.32
N PHE A 125 20.02 11.26 16.50
CA PHE A 125 19.10 10.66 15.53
C PHE A 125 18.84 9.21 15.94
N SER A 126 17.68 8.98 16.55
CA SER A 126 17.37 7.68 17.13
C SER A 126 16.43 6.85 16.27
N MET A 127 16.61 5.54 16.32
CA MET A 127 15.73 4.60 15.63
C MET A 127 15.32 3.50 16.60
N LYS A 128 14.05 3.48 16.98
CA LYS A 128 13.54 2.56 18.00
C LYS A 128 12.74 1.42 17.40
N PHE A 129 12.96 0.20 17.89
CA PHE A 129 12.44 -1.00 17.24
C PHE A 129 11.37 -1.72 18.06
N ILE A 130 10.48 -2.41 17.34
CA ILE A 130 9.43 -3.23 17.96
C ILE A 130 9.23 -4.51 17.16
N TYR A 131 9.20 -5.64 17.88
CA TYR A 131 9.06 -6.94 17.22
C TYR A 131 7.70 -7.56 17.46
N PHE A 132 7.10 -8.09 16.39
CA PHE A 132 5.77 -8.66 16.46
C PHE A 132 5.81 -10.20 16.44
N GLU A 133 4.91 -10.81 17.20
CA GLU A 133 4.86 -12.27 17.34
C GLU A 133 4.02 -12.91 16.24
N ASN A 134 4.31 -14.18 15.94
CA ASN A 134 3.55 -14.99 14.99
C ASN A 134 3.55 -14.40 13.58
N GLY A 135 2.36 -14.07 13.08
CA GLY A 135 2.20 -13.54 11.74
C GLY A 135 2.61 -12.10 11.63
N GLY A 136 2.87 -11.46 12.77
CA GLY A 136 3.29 -10.08 12.78
C GLY A 136 2.18 -9.12 13.16
N VAL A 137 1.33 -9.53 14.10
CA VAL A 137 0.21 -8.72 14.52
C VAL A 137 0.37 -8.23 15.96
N VAL A 138 0.79 -9.14 16.85
CA VAL A 138 0.90 -8.82 18.27
C VAL A 138 2.33 -8.43 18.65
N ALA A 139 2.46 -7.26 19.28
CA ALA A 139 3.77 -6.74 19.68
C ALA A 139 4.30 -7.45 20.93
N ARG A 140 5.60 -7.68 20.96
CA ARG A 140 6.24 -8.32 22.11
C ARG A 140 6.61 -7.30 23.19
N LEU A 141 6.33 -7.66 24.43
CA LEU A 141 6.66 -6.80 25.57
C LEU A 141 6.85 -7.61 26.84
N ASP A 150 8.14 0.55 27.17
CA ASP A 150 8.87 1.79 26.91
C ASP A 150 7.96 2.82 26.24
N PRO A 151 8.27 4.11 26.39
CA PRO A 151 7.39 5.19 25.89
C PRO A 151 7.07 5.09 24.39
N HIS A 152 7.98 4.57 23.59
CA HIS A 152 7.77 4.48 22.15
C HIS A 152 6.94 3.24 21.77
N PHE A 153 6.80 2.32 22.72
CA PHE A 153 6.15 1.03 22.46
C PHE A 153 4.73 1.16 21.94
N ALA A 154 3.87 1.77 22.75
CA ALA A 154 2.43 1.81 22.50
C ALA A 154 2.08 2.26 21.08
N GLU A 155 2.64 3.39 20.66
CA GLU A 155 2.33 3.99 19.36
C GLU A 155 2.52 3.00 18.21
N LEU A 156 3.69 2.37 18.16
CA LEU A 156 4.02 1.42 17.12
C LEU A 156 3.19 0.15 17.21
N ALA A 157 2.82 -0.22 18.45
CA ALA A 157 1.99 -1.39 18.68
C ALA A 157 0.60 -1.20 18.10
N GLN A 158 0.18 0.05 17.97
CA GLN A 158 -1.12 0.39 17.42
C GLN A 158 -1.19 0.12 15.92
N LEU A 159 -0.04 0.13 15.26
CA LEU A 159 0.02 0.06 13.80
C LEU A 159 -0.30 -1.33 13.24
N ARG A 160 -0.74 -1.34 11.98
CA ARG A 160 -0.94 -2.59 11.24
C ARG A 160 -0.06 -2.59 9.99
N TYR A 161 0.21 -3.77 9.46
CA TYR A 161 0.95 -3.90 8.21
C TYR A 161 0.00 -3.72 7.02
N GLU A 162 0.32 -2.79 6.14
CA GLU A 162 -0.61 -2.40 5.08
C GLU A 162 -0.09 -2.67 3.66
N GLY A 163 0.90 -3.55 3.55
CA GLY A 163 1.42 -3.91 2.23
C GLY A 163 2.70 -3.21 1.88
N ALA A 164 3.43 -3.78 0.92
CA ALA A 164 4.77 -3.31 0.55
C ALA A 164 4.76 -1.89 0.00
N GLU A 165 3.73 -1.55 -0.79
CA GLU A 165 3.64 -0.22 -1.39
C GLU A 165 3.56 0.87 -0.32
N SER A 166 2.82 0.58 0.75
CA SER A 166 2.71 1.51 1.86
C SER A 166 4.06 1.67 2.56
N VAL A 167 4.80 0.58 2.66
CA VAL A 167 6.12 0.59 3.28
C VAL A 167 7.09 1.44 2.46
N ARG A 168 6.95 1.37 1.14
CA ARG A 168 7.73 2.21 0.24
C ARG A 168 7.43 3.68 0.47
N ASP A 169 6.13 4.00 0.62
CA ASP A 169 5.70 5.36 0.91
C ASP A 169 6.28 5.87 2.22
N GLN A 170 6.35 4.98 3.21
CA GLN A 170 6.89 5.33 4.52
C GLN A 170 8.38 5.62 4.44
N MET A 171 9.10 4.79 3.68
CA MET A 171 10.53 4.99 3.47
C MET A 171 10.79 6.31 2.75
N VAL A 172 10.06 6.54 1.67
CA VAL A 172 10.12 7.79 0.92
C VAL A 172 9.92 8.98 1.86
N THR A 173 8.88 8.90 2.67
CA THR A 173 8.55 9.94 3.63
C THR A 173 9.70 10.20 4.59
N ILE A 174 10.31 9.12 5.09
CA ILE A 174 11.41 9.23 6.05
C ILE A 174 12.61 9.94 5.44
N VAL A 175 13.01 9.53 4.24
CA VAL A 175 14.17 10.10 3.57
C VAL A 175 13.96 11.57 3.22
N ARG A 176 12.80 11.88 2.64
CA ARG A 176 12.46 13.26 2.31
C ARG A 176 12.45 14.12 3.57
N SER A 177 11.89 13.59 4.65
CA SER A 177 11.84 14.31 5.92
C SER A 177 13.25 14.52 6.49
N VAL A 178 14.11 13.54 6.29
CA VAL A 178 15.50 13.64 6.74
C VAL A 178 16.24 14.76 6.01
N GLN A 179 16.14 14.75 4.69
CA GLN A 179 16.81 15.76 3.87
C GLN A 179 16.28 17.16 4.16
N PHE A 180 14.96 17.29 4.24
CA PHE A 180 14.33 18.57 4.53
C PHE A 180 14.71 19.08 5.92
N LEU A 181 14.76 18.17 6.89
CA LEU A 181 15.11 18.52 8.26
C LEU A 181 16.55 19.01 8.38
N CYS A 182 17.46 18.32 7.69
CA CYS A 182 18.88 18.64 7.79
C CYS A 182 19.27 19.91 7.04
N THR A 183 18.57 20.19 5.94
CA THR A 183 18.95 21.29 5.07
C THR A 183 18.15 22.58 5.31
N LYS A 184 16.89 22.45 5.68
CA LYS A 184 16.02 23.61 5.75
C LYS A 184 15.40 23.83 7.13
N VAL A 185 15.82 23.02 8.10
CA VAL A 185 15.30 23.15 9.47
C VAL A 185 16.42 23.34 10.48
N LEU A 186 17.32 22.37 10.54
CA LEU A 186 18.40 22.36 11.53
C LEU A 186 19.49 23.39 11.24
N GLU A 187 20.09 23.90 12.30
CA GLU A 187 21.30 24.70 12.17
C GLU A 187 22.48 23.79 11.91
N PRO A 188 23.52 24.31 11.22
CA PRO A 188 24.76 23.56 11.02
C PRO A 188 25.39 23.13 12.35
N LEU A 189 26.03 21.97 12.36
CA LEU A 189 26.71 21.46 13.55
C LEU A 189 27.89 22.37 13.91
N PRO A 190 28.31 22.34 15.18
CA PRO A 190 29.45 23.17 15.59
C PRO A 190 30.75 22.76 14.90
N ALA A 191 31.78 23.59 15.05
CA ALA A 191 33.06 23.36 14.37
C ALA A 191 33.67 22.02 14.76
N GLU A 192 33.71 21.73 16.05
CA GLU A 192 34.25 20.46 16.53
C GLU A 192 33.20 19.68 17.31
N PHE A 193 33.04 18.41 16.94
CA PHE A 193 32.02 17.56 17.56
C PHE A 193 32.41 16.09 17.44
N THR A 194 31.96 15.28 18.39
CA THR A 194 32.21 13.85 18.34
C THR A 194 30.92 13.09 18.02
N ALA A 195 30.91 12.41 16.89
CA ALA A 195 29.78 11.59 16.50
C ALA A 195 30.11 10.12 16.70
N ASN A 196 29.09 9.31 16.97
CA ASN A 196 29.26 7.87 17.14
C ASN A 196 27.92 7.15 17.22
N PHE A 197 27.95 5.83 17.04
CA PHE A 197 26.75 5.01 17.10
C PHE A 197 26.62 4.28 18.43
N ARG A 198 25.52 4.53 19.13
CA ARG A 198 25.25 3.88 20.40
C ARG A 198 23.90 3.16 20.35
N LEU A 199 23.85 1.94 20.86
CA LEU A 199 22.63 1.15 20.80
C LEU A 199 22.20 0.62 22.16
N LYS A 200 21.00 0.06 22.20
CA LYS A 200 20.45 -0.54 23.42
C LYS A 200 19.88 -1.91 23.10
N TYR A 201 20.30 -2.92 23.87
CA TYR A 201 19.83 -4.28 23.66
C TYR A 201 18.44 -4.49 24.26
N THR A 202 17.67 -5.41 23.71
CA THR A 202 16.39 -5.76 24.33
C THR A 202 16.63 -6.54 25.62
N ASN A 203 15.56 -6.72 26.38
CA ASN A 203 15.64 -7.47 27.62
C ASN A 203 15.93 -8.94 27.36
N ASP A 204 15.48 -9.44 26.21
CA ASP A 204 15.62 -10.85 25.86
C ASP A 204 17.06 -11.22 25.51
N ALA A 205 17.82 -10.23 25.03
CA ALA A 205 19.18 -10.44 24.55
C ALA A 205 20.08 -11.10 25.59
N PRO A 206 20.71 -12.23 25.22
CA PRO A 206 21.63 -12.96 26.09
C PRO A 206 22.87 -12.13 26.41
N SER A 207 23.53 -12.46 27.52
CA SER A 207 24.70 -11.71 27.94
C SER A 207 25.93 -12.04 27.11
N ASN A 208 25.93 -13.22 26.48
CA ASN A 208 27.05 -13.62 25.64
C ASN A 208 26.91 -13.10 24.22
N PHE A 209 25.69 -12.70 23.85
CA PHE A 209 25.44 -12.13 22.53
C PHE A 209 25.87 -10.66 22.48
N ARG A 210 26.84 -10.34 21.63
CA ARG A 210 27.30 -8.98 21.47
C ARG A 210 27.35 -8.59 19.99
N ILE A 211 26.84 -7.41 19.69
CA ILE A 211 26.83 -6.90 18.32
C ILE A 211 28.23 -6.47 17.90
N ASP A 212 28.67 -6.97 16.74
CA ASP A 212 30.03 -6.75 16.25
C ASP A 212 30.32 -5.27 16.01
N GLY A 213 31.39 -4.77 16.62
CA GLY A 213 31.78 -3.38 16.48
C GLY A 213 31.30 -2.53 17.63
N PHE A 214 30.47 -3.11 18.49
CA PHE A 214 29.91 -2.38 19.62
C PHE A 214 30.35 -2.93 20.97
N ASP A 215 31.25 -2.21 21.62
CA ASP A 215 31.69 -2.57 22.96
C ASP A 215 30.59 -2.28 23.97
N ASP A 216 30.44 -3.16 24.96
CA ASP A 216 29.42 -2.99 25.98
C ASP A 216 29.64 -1.72 26.81
N SER A 217 28.57 -1.20 27.39
CA SER A 217 28.65 0.02 28.17
C SER A 217 27.54 0.10 29.21
N SER A 218 27.82 0.82 30.29
CA SER A 218 26.83 1.07 31.33
C SER A 218 26.20 2.45 31.15
N THR A 219 26.47 3.05 29.99
CA THR A 219 25.96 4.39 29.67
C THR A 219 25.45 4.47 28.24
N PHE A 220 24.27 5.05 28.08
CA PHE A 220 23.69 5.27 26.77
C PHE A 220 23.96 6.70 26.32
N TYR A 221 22.91 7.51 26.28
CA TYR A 221 23.03 8.94 26.06
C TYR A 221 21.97 9.68 26.85
N THR A 222 22.25 10.92 27.22
CA THR A 222 21.27 11.75 27.91
C THR A 222 21.03 13.03 27.13
N LEU A 223 19.92 13.70 27.42
CA LEU A 223 19.54 14.90 26.70
C LEU A 223 19.47 16.11 27.62
N PRO A 224 19.66 17.31 27.05
CA PRO A 224 19.37 18.55 27.78
C PRO A 224 17.89 18.62 28.16
N ASP A 225 17.55 19.46 29.13
CA ASP A 225 16.17 19.54 29.60
C ASP A 225 15.30 20.36 28.65
N GLY A 226 15.93 21.17 27.81
CA GLY A 226 15.21 22.01 26.87
C GLY A 226 15.48 21.63 25.42
N ILE A 227 15.95 20.40 25.21
CA ILE A 227 16.26 19.93 23.87
C ILE A 227 14.97 19.78 23.05
N GLN A 228 15.07 20.06 21.75
CA GLN A 228 13.91 20.00 20.87
C GLN A 228 13.78 18.62 20.20
N SER A 229 12.55 18.14 20.10
CA SER A 229 12.28 16.81 19.58
C SER A 229 11.33 16.83 18.40
N VAL A 230 11.75 16.26 17.28
CA VAL A 230 10.90 16.17 16.10
C VAL A 230 10.89 14.74 15.55
N THR A 231 9.73 14.30 15.08
CA THR A 231 9.58 12.95 14.53
C THR A 231 9.81 12.94 13.03
N ILE A 232 10.75 12.10 12.59
CA ILE A 232 11.09 12.00 11.18
C ILE A 232 10.14 11.07 10.43
N GLY A 233 9.90 9.88 10.97
CA GLY A 233 9.01 8.93 10.34
C GLY A 233 9.05 7.54 10.97
N HIS A 234 8.30 6.62 10.38
CA HIS A 234 8.24 5.25 10.89
C HIS A 234 8.11 4.23 9.76
N LEU A 235 8.42 2.98 10.06
CA LEU A 235 8.35 1.90 9.08
C LEU A 235 7.62 0.68 9.65
N ARG A 236 6.63 0.20 8.91
CA ARG A 236 5.88 -0.98 9.34
C ARG A 236 5.87 -2.07 8.27
N PRO A 237 6.97 -2.84 8.19
CA PRO A 237 6.95 -4.05 7.36
C PRO A 237 6.16 -5.18 8.04
N GLY A 238 6.33 -6.40 7.57
CA GLY A 238 5.52 -7.52 8.02
C GLY A 238 5.54 -7.83 9.51
N HIS A 239 6.74 -7.92 10.09
CA HIS A 239 6.86 -8.36 11.47
C HIS A 239 7.67 -7.41 12.34
N HIS A 240 8.00 -6.24 11.81
CA HIS A 240 8.82 -5.29 12.56
C HIS A 240 8.25 -3.87 12.47
N ALA A 241 8.64 -3.04 13.42
CA ALA A 241 8.24 -1.64 13.43
C ALA A 241 9.40 -0.77 13.90
N ALA A 242 9.58 0.38 13.25
CA ALA A 242 10.64 1.31 13.62
C ALA A 242 10.10 2.72 13.76
N HIS A 243 10.75 3.51 14.61
CA HIS A 243 10.37 4.91 14.80
C HIS A 243 11.61 5.79 14.81
N MET A 244 11.69 6.71 13.85
CA MET A 244 12.84 7.59 13.71
C MET A 244 12.58 8.94 14.36
N GLN A 245 13.41 9.30 15.34
CA GLN A 245 13.26 10.58 16.02
C GLN A 245 14.53 11.42 15.93
N CYS A 246 14.39 12.72 16.15
CA CYS A 246 15.52 13.64 16.12
C CYS A 246 15.49 14.64 17.25
N TRP A 247 16.42 14.50 18.19
CA TRP A 247 16.62 15.49 19.24
C TRP A 247 17.78 16.40 18.86
N SER A 248 17.65 17.70 19.14
CA SER A 248 18.71 18.64 18.78
C SER A 248 18.70 19.92 19.59
N LYS A 249 19.87 20.52 19.73
CA LYS A 249 20.01 21.83 20.37
C LYS A 249 20.25 22.90 19.32
N SER A 250 20.82 22.48 18.19
CA SER A 250 21.04 23.38 17.06
C SER A 250 19.71 23.81 16.46
N MET A 251 18.70 22.97 16.64
CA MET A 251 17.36 23.22 16.11
C MET A 251 16.78 24.53 16.63
N ASP B 17 -4.50 14.68 1.11
CA ASP B 17 -5.64 13.97 0.55
C ASP B 17 -5.39 12.46 0.50
N ALA B 18 -5.71 11.79 1.61
CA ALA B 18 -5.54 10.34 1.69
C ALA B 18 -6.42 9.76 2.79
N ILE B 19 -6.68 8.46 2.69
CA ILE B 19 -7.50 7.77 3.67
C ILE B 19 -6.65 7.16 4.77
N ASP B 20 -6.78 7.68 5.98
CA ASP B 20 -6.09 7.12 7.13
C ASP B 20 -6.97 6.06 7.77
N ASP B 21 -6.87 4.84 7.28
CA ASP B 21 -7.62 3.73 7.82
C ASP B 21 -6.79 2.45 7.71
N LYS B 22 -6.47 1.86 8.84
CA LYS B 22 -5.71 0.62 8.87
C LYS B 22 -6.53 -0.53 8.28
N THR B 23 -7.83 -0.34 8.22
CA THR B 23 -8.74 -1.32 7.65
C THR B 23 -8.83 -1.18 6.13
N TRP B 24 -8.97 0.05 5.67
CA TRP B 24 -9.14 0.35 4.25
C TRP B 24 -7.92 0.01 3.41
N SER B 25 -6.73 0.18 3.99
CA SER B 25 -5.48 -0.03 3.25
C SER B 25 -5.19 -1.51 3.02
N LYS B 26 -6.01 -2.38 3.61
CA LYS B 26 -5.80 -3.82 3.49
C LYS B 26 -6.13 -4.32 2.09
N LEU B 27 -7.09 -3.68 1.43
CA LEU B 27 -7.49 -4.07 0.08
C LEU B 27 -7.40 -2.91 -0.91
N PHE B 28 -7.32 -1.70 -0.39
CA PHE B 28 -7.38 -0.50 -1.23
C PHE B 28 -6.18 0.42 -1.04
N PRO B 29 -5.85 1.21 -2.08
CA PRO B 29 -4.83 2.26 -1.96
C PRO B 29 -5.32 3.43 -1.13
N SER B 30 -4.42 4.03 -0.34
CA SER B 30 -4.79 5.14 0.53
C SER B 30 -4.87 6.45 -0.25
N ILE B 31 -4.28 6.47 -1.44
CA ILE B 31 -4.33 7.64 -2.31
C ILE B 31 -4.89 7.26 -3.68
N VAL B 32 -5.86 8.03 -4.16
CA VAL B 32 -6.51 7.72 -5.42
C VAL B 32 -6.60 8.95 -6.34
N SER B 33 -5.75 9.94 -6.09
CA SER B 33 -5.80 11.20 -6.83
C SER B 33 -5.02 11.15 -8.14
N ASP B 34 -3.95 10.35 -8.18
CA ASP B 34 -3.12 10.24 -9.37
C ASP B 34 -3.67 9.14 -10.30
N PRO B 35 -3.33 9.21 -11.61
CA PRO B 35 -3.90 8.28 -12.60
C PRO B 35 -3.73 6.80 -12.26
N ASP B 36 -2.50 6.37 -11.97
CA ASP B 36 -2.21 4.96 -11.73
C ASP B 36 -2.97 4.38 -10.54
N ARG B 37 -2.93 5.06 -9.40
CA ARG B 37 -3.65 4.58 -8.21
C ARG B 37 -5.16 4.76 -8.35
N SER B 38 -5.58 5.66 -9.23
CA SER B 38 -7.00 5.78 -9.53
C SER B 38 -7.47 4.53 -10.24
N SER B 39 -6.69 4.13 -11.25
CA SER B 39 -6.95 2.90 -11.99
C SER B 39 -6.85 1.70 -11.06
N ASN B 40 -5.83 1.69 -10.22
CA ASN B 40 -5.65 0.63 -9.24
C ASN B 40 -6.86 0.49 -8.33
N PHE B 41 -7.39 1.62 -7.89
CA PHE B 41 -8.59 1.60 -7.05
C PHE B 41 -9.75 1.01 -7.81
N MET B 42 -9.85 1.34 -9.10
CA MET B 42 -10.89 0.81 -9.95
C MET B 42 -10.83 -0.71 -10.01
N ILE B 43 -9.61 -1.23 -10.12
CA ILE B 43 -9.38 -2.67 -10.15
C ILE B 43 -9.87 -3.33 -8.86
N ARG B 44 -9.38 -2.82 -7.73
CA ARG B 44 -9.76 -3.34 -6.42
C ARG B 44 -11.26 -3.19 -6.18
N ALA B 45 -11.82 -2.11 -6.70
CA ALA B 45 -13.26 -1.86 -6.59
C ALA B 45 -14.06 -2.94 -7.28
N ILE B 46 -13.68 -3.24 -8.53
CA ILE B 46 -14.32 -4.29 -9.31
C ILE B 46 -14.27 -5.62 -8.56
N TYR B 47 -13.09 -5.93 -8.02
CA TYR B 47 -12.88 -7.16 -7.27
C TYR B 47 -13.83 -7.26 -6.08
N VAL B 48 -13.79 -6.27 -5.20
CA VAL B 48 -14.58 -6.27 -3.98
C VAL B 48 -16.08 -6.30 -4.27
N VAL B 49 -16.54 -5.36 -5.09
CA VAL B 49 -17.96 -5.23 -5.39
C VAL B 49 -18.54 -6.49 -6.02
N PHE B 50 -17.86 -7.02 -7.02
CA PHE B 50 -18.36 -8.19 -7.74
C PHE B 50 -18.29 -9.46 -6.90
N SER B 51 -17.25 -9.58 -6.07
CA SER B 51 -17.14 -10.72 -5.17
C SER B 51 -18.29 -10.69 -4.17
N ALA B 52 -18.68 -9.48 -3.76
CA ALA B 52 -19.81 -9.29 -2.88
C ALA B 52 -21.11 -9.75 -3.53
N VAL B 53 -21.33 -9.29 -4.76
CA VAL B 53 -22.51 -9.67 -5.55
C VAL B 53 -22.60 -11.19 -5.70
N LEU B 54 -21.45 -11.81 -5.92
CA LEU B 54 -21.38 -13.26 -6.09
C LEU B 54 -21.78 -14.02 -4.83
N ARG B 55 -21.35 -13.53 -3.67
CA ARG B 55 -21.62 -14.20 -2.41
C ARG B 55 -23.08 -14.05 -1.98
N GLN B 56 -23.55 -12.80 -2.01
CA GLN B 56 -24.88 -12.47 -1.49
C GLN B 56 -26.00 -13.09 -2.32
N ARG B 57 -25.90 -13.02 -3.64
CA ARG B 57 -26.90 -13.63 -4.51
C ARG B 57 -26.74 -15.16 -4.55
N ASN B 58 -25.81 -15.67 -3.75
CA ASN B 58 -25.54 -17.10 -3.63
C ASN B 58 -25.26 -17.75 -4.97
N ILE B 59 -24.50 -17.07 -5.81
CA ILE B 59 -24.02 -17.64 -7.05
C ILE B 59 -22.93 -18.65 -6.71
N LEU B 60 -22.07 -18.28 -5.77
CA LEU B 60 -21.04 -19.17 -5.27
C LEU B 60 -21.15 -19.35 -3.76
N GLU B 61 -20.86 -20.54 -3.29
CA GLU B 61 -20.92 -20.84 -1.86
C GLU B 61 -19.91 -20.03 -1.07
N LYS B 62 -20.09 -20.00 0.25
CA LYS B 62 -19.22 -19.26 1.14
C LYS B 62 -17.81 -19.83 1.18
N GLU B 63 -17.66 -21.09 0.79
CA GLU B 63 -16.36 -21.75 0.79
C GLU B 63 -15.38 -21.10 -0.17
N TYR B 64 -15.90 -20.51 -1.24
CA TYR B 64 -15.07 -19.86 -2.25
C TYR B 64 -14.57 -18.51 -1.76
N PHE B 65 -15.24 -17.96 -0.75
CA PHE B 65 -14.94 -16.62 -0.28
C PHE B 65 -14.21 -16.60 1.04
N SER B 66 -13.80 -15.40 1.46
CA SER B 66 -13.16 -15.19 2.75
C SER B 66 -13.65 -13.85 3.32
N LYS B 67 -13.78 -13.77 4.63
CA LYS B 67 -14.29 -12.56 5.27
C LYS B 67 -13.24 -11.47 5.33
N ASN B 68 -13.63 -10.26 4.93
CA ASN B 68 -12.71 -9.12 4.92
C ASN B 68 -13.38 -7.81 5.31
N TYR B 69 -12.57 -6.84 5.72
CA TYR B 69 -13.06 -5.56 6.21
C TYR B 69 -12.78 -4.40 5.24
N ILE B 70 -13.83 -3.72 4.79
CA ILE B 70 -13.67 -2.51 4.00
C ILE B 70 -13.59 -1.32 4.95
N THR B 71 -14.29 -1.46 6.07
CA THR B 71 -14.35 -0.45 7.11
C THR B 71 -14.60 -1.19 8.42
N GLU B 72 -14.14 -0.65 9.54
CA GLU B 72 -14.41 -1.25 10.85
C GLU B 72 -15.91 -1.49 11.06
N ASN B 73 -16.74 -0.70 10.39
CA ASN B 73 -18.18 -0.81 10.51
C ASN B 73 -18.76 -1.98 9.71
N LEU B 74 -18.32 -2.13 8.45
CA LEU B 74 -18.91 -3.14 7.58
C LEU B 74 -17.91 -4.18 7.09
N SER B 75 -18.40 -5.40 6.88
CA SER B 75 -17.58 -6.47 6.34
C SER B 75 -18.15 -6.98 5.03
N CYS B 76 -17.37 -7.80 4.33
CA CYS B 76 -17.82 -8.39 3.07
C CYS B 76 -17.06 -9.67 2.76
N MET B 77 -17.66 -10.54 1.97
CA MET B 77 -17.02 -11.78 1.55
C MET B 77 -16.37 -11.60 0.19
N THR B 78 -15.05 -11.80 0.14
CA THR B 78 -14.30 -11.63 -1.09
C THR B 78 -13.73 -12.96 -1.57
N LEU B 79 -13.61 -13.11 -2.88
CA LEU B 79 -13.12 -14.34 -3.50
C LEU B 79 -11.75 -14.75 -2.95
N SER B 80 -11.67 -15.96 -2.40
CA SER B 80 -10.44 -16.47 -1.84
C SER B 80 -9.56 -17.12 -2.91
N PHE B 81 -8.30 -16.70 -2.97
CA PHE B 81 -7.38 -17.18 -4.01
C PHE B 81 -6.88 -18.59 -3.73
N LYS B 82 -6.94 -18.99 -2.46
CA LYS B 82 -6.53 -20.34 -2.08
C LYS B 82 -7.38 -21.37 -2.79
N ASN B 83 -8.65 -21.04 -3.00
CA ASN B 83 -9.53 -21.86 -3.82
C ASN B 83 -9.21 -21.65 -5.29
N LEU B 84 -9.03 -22.75 -6.03
CA LEU B 84 -8.62 -22.69 -7.43
C LEU B 84 -9.62 -21.94 -8.31
N ARG B 85 -10.88 -22.33 -8.23
CA ARG B 85 -11.91 -21.74 -9.08
C ARG B 85 -12.12 -20.26 -8.79
N ALA B 86 -12.21 -19.91 -7.50
CA ALA B 86 -12.37 -18.52 -7.10
C ALA B 86 -11.17 -17.69 -7.54
N HIS B 87 -10.00 -18.32 -7.58
CA HIS B 87 -8.79 -17.68 -8.08
C HIS B 87 -8.91 -17.36 -9.56
N GLN B 88 -9.53 -18.29 -10.31
CA GLN B 88 -9.74 -18.11 -11.74
C GLN B 88 -10.64 -16.91 -12.03
N ILE B 89 -11.75 -16.86 -11.30
CA ILE B 89 -12.71 -15.76 -11.44
C ILE B 89 -12.09 -14.43 -11.05
N ALA B 90 -11.33 -14.44 -9.95
CA ALA B 90 -10.65 -13.25 -9.49
C ALA B 90 -9.60 -12.82 -10.50
N GLN B 91 -9.01 -13.80 -11.18
CA GLN B 91 -8.03 -13.53 -12.21
C GLN B 91 -8.69 -12.80 -13.39
N LEU B 92 -9.90 -13.24 -13.73
CA LEU B 92 -10.72 -12.55 -14.73
C LEU B 92 -10.92 -11.09 -14.40
N LEU B 93 -11.56 -10.87 -13.25
CA LEU B 93 -11.84 -9.54 -12.74
C LEU B 93 -10.59 -8.67 -12.68
N ARG B 94 -9.44 -9.30 -12.45
CA ARG B 94 -8.18 -8.58 -12.39
C ARG B 94 -7.79 -8.11 -13.79
N ALA B 95 -7.93 -9.00 -14.77
CA ALA B 95 -7.63 -8.67 -16.16
C ALA B 95 -8.55 -7.55 -16.66
N ALA B 96 -9.83 -7.67 -16.36
CA ALA B 96 -10.82 -6.66 -16.73
C ALA B 96 -10.47 -5.32 -16.07
N GLY B 97 -10.06 -5.38 -14.82
CA GLY B 97 -9.66 -4.19 -14.09
C GLY B 97 -8.42 -3.56 -14.69
N ASP B 98 -7.51 -4.39 -15.17
CA ASP B 98 -6.28 -3.91 -15.78
C ASP B 98 -6.54 -3.20 -17.11
N ALA B 99 -7.68 -3.48 -17.71
CA ALA B 99 -8.04 -2.89 -19.00
C ALA B 99 -8.33 -1.40 -18.87
N THR B 100 -8.56 -0.95 -17.64
CA THR B 100 -8.91 0.45 -17.39
C THR B 100 -7.70 1.37 -17.38
N LYS B 101 -6.51 0.79 -17.29
CA LYS B 101 -5.28 1.59 -17.23
C LYS B 101 -5.05 2.39 -18.50
N ASP B 102 -5.35 1.78 -19.64
CA ASP B 102 -5.03 2.38 -20.94
C ASP B 102 -5.85 3.64 -21.31
N GLY B 103 -7.19 3.65 -21.18
CA GLY B 103 -8.02 2.53 -20.77
C GLY B 103 -8.95 2.10 -21.89
N PHE B 104 -9.25 0.81 -21.94
CA PHE B 104 -10.02 0.26 -23.06
C PHE B 104 -11.34 -0.37 -22.63
N LEU B 105 -11.61 -0.38 -21.33
CA LEU B 105 -12.81 -1.02 -20.81
C LEU B 105 -13.99 -0.05 -20.77
N LYS B 106 -15.11 -0.47 -21.36
CA LYS B 106 -16.31 0.35 -21.40
C LYS B 106 -17.31 -0.08 -20.33
N GLU B 107 -17.53 -1.38 -20.24
CA GLU B 107 -18.44 -1.94 -19.25
C GLU B 107 -18.12 -3.40 -18.98
N ILE B 108 -18.14 -3.80 -17.71
CA ILE B 108 -18.07 -5.21 -17.35
C ILE B 108 -19.32 -5.59 -16.56
N SER B 109 -19.94 -6.70 -16.92
CA SER B 109 -21.20 -7.08 -16.30
C SER B 109 -21.25 -8.55 -15.89
N LEU B 110 -21.75 -8.81 -14.69
CA LEU B 110 -22.08 -10.15 -14.26
C LEU B 110 -23.49 -10.47 -14.76
N VAL B 111 -23.60 -11.45 -15.65
CA VAL B 111 -24.84 -11.69 -16.37
C VAL B 111 -25.40 -13.08 -16.08
N VAL B 112 -26.64 -13.14 -15.62
CA VAL B 112 -27.26 -14.42 -15.26
C VAL B 112 -28.41 -14.77 -16.21
N THR B 113 -28.32 -15.92 -16.85
CA THR B 113 -29.34 -16.39 -17.77
C THR B 113 -29.86 -17.76 -17.37
N GLU B 114 -31.05 -18.12 -17.88
CA GLU B 114 -31.65 -19.42 -17.60
C GLU B 114 -30.80 -20.52 -18.22
N HIS B 115 -30.46 -20.35 -19.49
CA HIS B 115 -29.69 -21.34 -20.23
C HIS B 115 -28.33 -20.77 -20.64
N ASP B 116 -27.33 -21.64 -20.74
CA ASP B 116 -25.99 -21.23 -21.11
C ASP B 116 -25.93 -20.76 -22.57
N GLY B 117 -25.45 -19.55 -22.77
CA GLY B 117 -25.29 -19.01 -24.11
C GLY B 117 -26.34 -17.98 -24.49
N ASP B 118 -27.31 -17.79 -23.61
CA ASP B 118 -28.39 -16.84 -23.86
C ASP B 118 -27.88 -15.40 -23.93
N VAL B 119 -28.45 -14.61 -24.84
CA VAL B 119 -28.08 -13.21 -24.96
C VAL B 119 -29.08 -12.35 -24.20
N GLU B 120 -30.22 -12.94 -23.84
CA GLU B 120 -31.21 -12.25 -23.02
C GLU B 120 -31.10 -12.71 -21.57
N ALA B 121 -30.70 -11.80 -20.71
CA ALA B 121 -30.45 -12.12 -19.31
C ALA B 121 -31.72 -12.08 -18.47
N ILE B 122 -31.63 -12.65 -17.27
CA ILE B 122 -32.71 -12.55 -16.31
C ILE B 122 -32.24 -11.71 -15.12
N GLU B 123 -30.93 -11.50 -15.06
CA GLU B 123 -30.33 -10.63 -14.06
C GLU B 123 -28.97 -10.11 -14.51
N VAL B 124 -28.72 -8.82 -14.28
CA VAL B 124 -27.47 -8.19 -14.70
C VAL B 124 -26.94 -7.21 -13.65
N PHE B 125 -25.70 -7.41 -13.24
CA PHE B 125 -25.00 -6.43 -12.41
C PHE B 125 -23.90 -5.78 -13.24
N SER B 126 -24.13 -4.54 -13.66
CA SER B 126 -23.26 -3.88 -14.63
C SER B 126 -22.41 -2.76 -14.03
N MET B 127 -21.15 -2.69 -14.48
CA MET B 127 -20.26 -1.59 -14.12
C MET B 127 -19.79 -0.87 -15.38
N LYS B 128 -20.12 0.42 -15.48
CA LYS B 128 -19.78 1.20 -16.67
C LYS B 128 -18.73 2.27 -16.34
N PHE B 129 -17.77 2.43 -17.24
CA PHE B 129 -16.59 3.24 -16.94
C PHE B 129 -16.48 4.51 -17.78
N ILE B 130 -15.83 5.52 -17.21
CA ILE B 130 -15.62 6.78 -17.90
C ILE B 130 -14.20 7.29 -17.63
N TYR B 131 -13.53 7.73 -18.69
CA TYR B 131 -12.14 8.13 -18.58
C TYR B 131 -11.97 9.64 -18.74
N PHE B 132 -11.32 10.25 -17.75
CA PHE B 132 -11.09 11.68 -17.73
C PHE B 132 -9.66 11.98 -18.18
N GLU B 133 -9.52 12.85 -19.17
CA GLU B 133 -8.21 13.13 -19.76
C GLU B 133 -7.46 14.21 -18.99
N ASN B 134 -6.18 14.36 -19.32
CA ASN B 134 -5.28 15.30 -18.65
C ASN B 134 -5.21 15.09 -17.14
N GLY B 135 -5.67 16.09 -16.39
CA GLY B 135 -5.63 16.04 -14.94
C GLY B 135 -6.77 15.24 -14.34
N GLY B 136 -7.76 14.92 -15.16
CA GLY B 136 -8.89 14.13 -14.71
C GLY B 136 -10.17 14.93 -14.52
N VAL B 137 -10.29 16.02 -15.28
CA VAL B 137 -11.46 16.88 -15.17
C VAL B 137 -12.40 16.70 -16.36
N VAL B 138 -11.83 16.67 -17.56
CA VAL B 138 -12.63 16.54 -18.77
C VAL B 138 -12.81 15.08 -19.18
N ALA B 139 -14.06 14.65 -19.30
CA ALA B 139 -14.37 13.28 -19.67
C ALA B 139 -14.09 13.04 -21.15
N ARG B 140 -13.53 11.88 -21.47
CA ARG B 140 -13.30 11.50 -22.86
C ARG B 140 -14.60 11.02 -23.49
N LEU B 141 -14.82 11.40 -24.73
CA LEU B 141 -16.09 11.08 -25.40
C LEU B 141 -16.28 9.58 -25.54
N SER B 142 -17.53 9.16 -25.67
CA SER B 142 -17.86 7.75 -25.75
C SER B 142 -19.04 7.52 -26.69
N THR B 143 -19.17 6.29 -27.20
CA THR B 143 -20.20 5.98 -28.19
C THR B 143 -21.08 4.82 -27.75
N ASP B 147 -22.27 4.85 -31.79
CA ASP B 147 -22.24 5.84 -32.85
C ASP B 147 -22.29 7.25 -32.28
N GLN B 148 -23.51 7.65 -31.89
CA GLN B 148 -23.74 9.00 -31.39
C GLN B 148 -23.10 9.21 -30.02
N GLU B 149 -23.54 8.42 -29.04
CA GLU B 149 -23.05 8.52 -27.67
C GLU B 149 -23.60 7.38 -26.82
N ASP B 150 -23.32 7.44 -25.51
CA ASP B 150 -23.92 6.52 -24.54
C ASP B 150 -24.66 7.30 -23.47
N PRO B 151 -25.73 6.71 -22.91
CA PRO B 151 -26.60 7.42 -21.96
C PRO B 151 -25.93 7.81 -20.63
N HIS B 152 -25.19 6.90 -20.03
CA HIS B 152 -24.68 7.12 -18.67
C HIS B 152 -23.68 8.27 -18.61
N PHE B 153 -22.99 8.50 -19.71
CA PHE B 153 -21.94 9.50 -19.81
C PHE B 153 -22.39 10.87 -19.32
N ALA B 154 -23.58 11.27 -19.75
CA ALA B 154 -24.14 12.57 -19.39
C ALA B 154 -24.21 12.77 -17.87
N GLU B 155 -24.76 11.78 -17.18
CA GLU B 155 -24.94 11.84 -15.73
C GLU B 155 -23.63 11.87 -14.96
N LEU B 156 -22.65 11.11 -15.45
CA LEU B 156 -21.42 10.84 -14.70
C LEU B 156 -20.25 11.78 -15.02
N ALA B 157 -20.25 12.33 -16.23
CA ALA B 157 -19.17 13.22 -16.64
C ALA B 157 -19.16 14.50 -15.80
N GLN B 158 -20.33 14.86 -15.28
CA GLN B 158 -20.48 16.08 -14.48
C GLN B 158 -19.79 15.97 -13.12
N LEU B 159 -19.69 14.76 -12.59
CA LEU B 159 -19.19 14.54 -11.24
C LEU B 159 -17.72 14.91 -11.09
N ARG B 160 -17.43 15.66 -10.03
CA ARG B 160 -16.05 16.07 -9.72
C ARG B 160 -15.38 15.11 -8.75
N TYR B 161 -14.06 15.08 -8.77
CA TYR B 161 -13.29 14.33 -7.78
C TYR B 161 -13.23 15.13 -6.48
N GLU B 162 -13.84 14.60 -5.42
CA GLU B 162 -13.99 15.36 -4.18
C GLU B 162 -13.12 14.83 -3.04
N GLY B 163 -12.04 14.13 -3.38
CA GLY B 163 -11.11 13.65 -2.37
C GLY B 163 -11.20 12.17 -2.10
N ALA B 164 -10.25 11.66 -1.32
CA ALA B 164 -10.16 10.23 -1.03
C ALA B 164 -11.27 9.75 -0.09
N GLU B 165 -11.59 10.57 0.91
CA GLU B 165 -12.62 10.21 1.88
C GLU B 165 -13.98 10.05 1.23
N SER B 166 -14.27 10.91 0.25
CA SER B 166 -15.52 10.82 -0.51
C SER B 166 -15.59 9.52 -1.27
N VAL B 167 -14.46 9.11 -1.82
CA VAL B 167 -14.35 7.86 -2.55
C VAL B 167 -14.61 6.67 -1.62
N ARG B 168 -14.06 6.75 -0.42
CA ARG B 168 -14.30 5.75 0.61
C ARG B 168 -15.79 5.64 0.94
N ASP B 169 -16.44 6.80 1.06
CA ASP B 169 -17.86 6.85 1.34
C ASP B 169 -18.67 6.20 0.21
N GLN B 170 -18.25 6.47 -1.02
CA GLN B 170 -18.92 5.93 -2.20
C GLN B 170 -18.79 4.41 -2.26
N MET B 171 -17.62 3.90 -1.90
CA MET B 171 -17.37 2.46 -1.86
C MET B 171 -18.24 1.81 -0.79
N VAL B 172 -18.18 2.35 0.41
CA VAL B 172 -19.01 1.92 1.52
C VAL B 172 -20.48 1.87 1.13
N THR B 173 -20.95 2.95 0.49
CA THR B 173 -22.33 3.05 0.04
C THR B 173 -22.68 1.96 -0.96
N ILE B 174 -21.78 1.72 -1.91
CA ILE B 174 -22.00 0.72 -2.94
C ILE B 174 -22.16 -0.67 -2.35
N VAL B 175 -21.24 -1.07 -1.48
CA VAL B 175 -21.25 -2.42 -0.91
C VAL B 175 -22.43 -2.63 0.04
N ARG B 176 -22.74 -1.62 0.84
CA ARG B 176 -23.92 -1.67 1.71
C ARG B 176 -25.18 -1.81 0.86
N SER B 177 -25.24 -1.06 -0.23
CA SER B 177 -26.36 -1.12 -1.15
C SER B 177 -26.47 -2.48 -1.82
N VAL B 178 -25.32 -3.09 -2.11
CA VAL B 178 -25.28 -4.41 -2.73
C VAL B 178 -25.84 -5.47 -1.77
N GLN B 179 -25.33 -5.48 -0.54
CA GLN B 179 -25.78 -6.44 0.46
C GLN B 179 -27.27 -6.28 0.76
N PHE B 180 -27.71 -5.04 0.94
CA PHE B 180 -29.11 -4.74 1.23
C PHE B 180 -30.02 -5.15 0.06
N LEU B 181 -29.58 -4.84 -1.15
CA LEU B 181 -30.35 -5.18 -2.35
C LEU B 181 -30.51 -6.69 -2.52
N CYS B 182 -29.43 -7.42 -2.27
CA CYS B 182 -29.40 -8.86 -2.50
C CYS B 182 -30.15 -9.65 -1.42
N THR B 183 -30.22 -9.10 -0.21
CA THR B 183 -30.83 -9.82 0.91
C THR B 183 -32.24 -9.34 1.22
N LYS B 184 -32.46 -8.03 1.17
CA LYS B 184 -33.71 -7.45 1.64
C LYS B 184 -34.67 -7.07 0.51
N VAL B 185 -34.17 -7.04 -0.72
CA VAL B 185 -34.98 -6.58 -1.85
C VAL B 185 -35.20 -7.66 -2.92
N LEU B 186 -34.11 -8.19 -3.45
CA LEU B 186 -34.16 -9.15 -4.54
C LEU B 186 -34.69 -10.51 -4.13
N GLU B 187 -35.43 -11.15 -5.03
CA GLU B 187 -35.84 -12.54 -4.84
C GLU B 187 -34.69 -13.48 -5.17
N PRO B 188 -34.63 -14.63 -4.50
CA PRO B 188 -33.65 -15.68 -4.79
C PRO B 188 -33.61 -16.07 -6.26
N LEU B 189 -32.43 -16.41 -6.75
CA LEU B 189 -32.27 -16.86 -8.14
C LEU B 189 -32.92 -18.22 -8.33
N PRO B 190 -33.33 -18.54 -9.57
CA PRO B 190 -33.96 -19.83 -9.87
C PRO B 190 -33.03 -21.01 -9.57
N ALA B 191 -33.58 -22.21 -9.57
CA ALA B 191 -32.83 -23.42 -9.24
C ALA B 191 -31.68 -23.64 -10.22
N GLU B 192 -31.96 -23.48 -11.51
CA GLU B 192 -30.93 -23.64 -12.53
C GLU B 192 -30.73 -22.34 -13.31
N PHE B 193 -29.47 -21.92 -13.42
CA PHE B 193 -29.14 -20.70 -14.14
C PHE B 193 -27.69 -20.73 -14.60
N THR B 194 -27.37 -19.94 -15.61
CA THR B 194 -25.98 -19.82 -16.06
C THR B 194 -25.46 -18.41 -15.88
N ALA B 195 -24.46 -18.26 -15.03
CA ALA B 195 -23.82 -16.98 -14.82
C ALA B 195 -22.52 -16.92 -15.62
N ASN B 196 -22.14 -15.71 -16.04
CA ASN B 196 -20.87 -15.48 -16.70
C ASN B 196 -20.52 -13.99 -16.75
N PHE B 197 -19.28 -13.69 -17.11
CA PHE B 197 -18.82 -12.30 -17.18
C PHE B 197 -18.67 -11.84 -18.62
N ARG B 198 -19.43 -10.82 -18.98
CA ARG B 198 -19.36 -10.25 -20.32
C ARG B 198 -18.98 -8.78 -20.26
N LEU B 199 -18.11 -8.36 -21.17
CA LEU B 199 -17.65 -6.98 -21.17
C LEU B 199 -17.73 -6.33 -22.55
N LYS B 200 -17.54 -5.01 -22.56
CA LYS B 200 -17.57 -4.23 -23.79
C LYS B 200 -16.31 -3.38 -23.91
N TYR B 201 -15.65 -3.45 -25.07
CA TYR B 201 -14.44 -2.66 -25.30
C TYR B 201 -14.80 -1.26 -25.75
N THR B 202 -13.97 -0.28 -25.40
CA THR B 202 -14.17 1.08 -25.86
C THR B 202 -13.79 1.20 -27.33
N ASN B 203 -14.17 2.31 -27.96
CA ASN B 203 -13.85 2.53 -29.36
C ASN B 203 -12.35 2.65 -29.58
N ASP B 204 -11.64 3.18 -28.59
CA ASP B 204 -10.21 3.38 -28.68
C ASP B 204 -9.43 2.07 -28.72
N ALA B 205 -10.01 1.03 -28.12
CA ALA B 205 -9.36 -0.27 -27.99
C ALA B 205 -8.96 -0.86 -29.35
N PRO B 206 -7.67 -1.17 -29.51
CA PRO B 206 -7.16 -1.79 -30.74
C PRO B 206 -7.73 -3.19 -30.95
N SER B 207 -7.70 -3.67 -32.19
CA SER B 207 -8.27 -4.97 -32.51
C SER B 207 -7.37 -6.11 -32.06
N ASN B 208 -6.09 -5.83 -31.88
CA ASN B 208 -5.15 -6.86 -31.42
C ASN B 208 -5.13 -6.97 -29.90
N PHE B 209 -5.72 -5.98 -29.23
CA PHE B 209 -5.82 -6.01 -27.77
C PHE B 209 -7.00 -6.83 -27.29
N ARG B 210 -6.72 -7.87 -26.52
CA ARG B 210 -7.76 -8.70 -25.95
C ARG B 210 -7.56 -8.91 -24.46
N ILE B 211 -8.62 -8.73 -23.70
CA ILE B 211 -8.56 -8.95 -22.26
C ILE B 211 -8.45 -10.45 -22.00
N ASP B 212 -7.44 -10.84 -21.23
CA ASP B 212 -7.15 -12.24 -20.97
C ASP B 212 -8.30 -12.92 -20.23
N GLY B 213 -8.77 -14.03 -20.77
CA GLY B 213 -9.87 -14.77 -20.18
C GLY B 213 -11.19 -14.50 -20.88
N PHE B 214 -11.20 -13.48 -21.72
CA PHE B 214 -12.41 -13.11 -22.44
C PHE B 214 -12.27 -13.31 -23.95
N ASP B 215 -13.04 -14.25 -24.48
CA ASP B 215 -13.07 -14.49 -25.92
C ASP B 215 -13.93 -13.44 -26.61
N ASP B 216 -13.54 -13.04 -27.81
CA ASP B 216 -14.29 -12.05 -28.57
C ASP B 216 -15.71 -12.54 -28.87
N SER B 217 -16.63 -11.59 -29.03
CA SER B 217 -18.03 -11.92 -29.29
C SER B 217 -18.73 -10.82 -30.05
N SER B 218 -19.71 -11.19 -30.86
CA SER B 218 -20.51 -10.22 -31.59
C SER B 218 -21.78 -9.90 -30.81
N THR B 219 -21.94 -10.55 -29.66
CA THR B 219 -23.12 -10.36 -28.82
C THR B 219 -22.75 -10.03 -27.38
N PHE B 220 -23.46 -9.08 -26.80
CA PHE B 220 -23.29 -8.72 -25.40
C PHE B 220 -24.39 -9.38 -24.58
N TYR B 221 -25.30 -8.57 -24.05
CA TYR B 221 -26.50 -9.08 -23.40
C TYR B 221 -27.69 -8.19 -23.72
N THR B 222 -28.88 -8.76 -23.68
CA THR B 222 -30.10 -8.00 -23.87
C THR B 222 -31.02 -8.15 -22.67
N LEU B 223 -31.98 -7.25 -22.54
CA LEU B 223 -32.89 -7.27 -21.40
C LEU B 223 -34.33 -7.43 -21.85
N PRO B 224 -35.15 -8.12 -21.04
CA PRO B 224 -36.59 -8.14 -21.30
C PRO B 224 -37.18 -6.74 -21.12
N ASP B 225 -38.32 -6.47 -21.75
CA ASP B 225 -38.88 -5.12 -21.75
C ASP B 225 -39.38 -4.67 -20.37
N GLY B 226 -39.85 -5.61 -19.57
CA GLY B 226 -40.40 -5.28 -18.27
C GLY B 226 -39.42 -5.49 -17.13
N ILE B 227 -38.13 -5.38 -17.43
CA ILE B 227 -37.10 -5.61 -16.44
C ILE B 227 -37.00 -4.45 -15.45
N GLN B 228 -36.69 -4.76 -14.20
CA GLN B 228 -36.57 -3.77 -13.15
C GLN B 228 -35.13 -3.25 -13.04
N SER B 229 -34.98 -1.93 -12.99
CA SER B 229 -33.65 -1.32 -12.97
C SER B 229 -33.43 -0.47 -11.72
N VAL B 230 -32.40 -0.80 -10.95
CA VAL B 230 -32.07 -0.04 -9.75
C VAL B 230 -30.59 0.33 -9.74
N THR B 231 -30.29 1.52 -9.22
CA THR B 231 -28.91 2.00 -9.16
C THR B 231 -28.28 1.70 -7.80
N ILE B 232 -27.13 1.02 -7.83
CA ILE B 232 -26.41 0.69 -6.61
C ILE B 232 -25.60 1.87 -6.09
N GLY B 233 -24.77 2.45 -6.97
CA GLY B 233 -23.95 3.58 -6.60
C GLY B 233 -22.93 3.93 -7.67
N HIS B 234 -22.03 4.84 -7.35
CA HIS B 234 -21.01 5.28 -8.29
C HIS B 234 -19.66 5.46 -7.59
N LEU B 235 -18.61 5.57 -8.39
CA LEU B 235 -17.27 5.80 -7.88
C LEU B 235 -16.58 6.91 -8.66
N ARG B 236 -15.92 7.82 -7.95
CA ARG B 236 -15.21 8.91 -8.60
C ARG B 236 -13.82 9.12 -8.00
N PRO B 237 -12.86 8.30 -8.42
CA PRO B 237 -11.46 8.57 -8.08
C PRO B 237 -10.91 9.72 -8.93
N GLY B 238 -9.61 9.94 -8.88
CA GLY B 238 -9.02 11.09 -9.55
C GLY B 238 -9.27 11.19 -11.04
N HIS B 239 -9.15 10.07 -11.75
CA HIS B 239 -9.14 10.12 -13.21
C HIS B 239 -10.11 9.14 -13.86
N HIS B 240 -10.95 8.49 -13.05
CA HIS B 240 -11.91 7.55 -13.60
C HIS B 240 -13.28 7.70 -12.95
N ALA B 241 -14.29 7.11 -13.57
CA ALA B 241 -15.65 7.11 -13.01
C ALA B 241 -16.33 5.79 -13.31
N ALA B 242 -17.13 5.31 -12.37
CA ALA B 242 -17.83 4.04 -12.54
C ALA B 242 -19.29 4.15 -12.10
N HIS B 243 -20.16 3.41 -12.78
CA HIS B 243 -21.57 3.37 -12.41
C HIS B 243 -22.03 1.93 -12.27
N MET B 244 -22.55 1.60 -11.09
CA MET B 244 -22.99 0.24 -10.79
C MET B 244 -24.52 0.15 -10.80
N GLN B 245 -25.05 -0.65 -11.73
CA GLN B 245 -26.50 -0.80 -11.86
C GLN B 245 -26.93 -2.26 -11.76
N CYS B 246 -28.21 -2.47 -11.49
CA CYS B 246 -28.76 -3.82 -11.42
C CYS B 246 -30.09 -3.94 -12.15
N TRP B 247 -30.12 -4.75 -13.20
CA TRP B 247 -31.36 -5.15 -13.84
C TRP B 247 -31.76 -6.54 -13.34
N SER B 248 -33.04 -6.76 -13.10
CA SER B 248 -33.47 -8.05 -12.56
C SER B 248 -34.91 -8.42 -12.91
N LYS B 249 -35.14 -9.71 -13.02
CA LYS B 249 -36.48 -10.26 -13.17
C LYS B 249 -37.04 -10.65 -11.82
N SER B 250 -36.17 -11.22 -10.98
CA SER B 250 -36.54 -11.69 -9.66
C SER B 250 -36.99 -10.53 -8.77
N MET B 251 -36.48 -9.34 -9.06
CA MET B 251 -36.83 -8.14 -8.30
C MET B 251 -38.34 -7.95 -8.22
N MET C 2 19.34 -1.33 30.65
CA MET C 2 20.21 -2.16 31.46
C MET C 2 21.55 -2.38 30.76
N ARG C 3 21.50 -2.79 29.50
CA ARG C 3 22.70 -3.10 28.75
C ARG C 3 22.81 -2.25 27.48
N TYR C 4 23.99 -1.73 27.20
CA TYR C 4 24.20 -0.84 26.07
C TYR C 4 25.45 -1.18 25.27
N GLY C 5 25.57 -0.58 24.08
CA GLY C 5 26.71 -0.79 23.21
C GLY C 5 27.13 0.50 22.53
N GLN C 6 28.43 0.64 22.24
CA GLN C 6 28.95 1.89 21.68
C GLN C 6 29.93 1.68 20.52
N SER C 7 30.21 2.75 19.79
CA SER C 7 31.11 2.71 18.65
C SER C 7 31.90 4.02 18.55
N PRO C 8 33.04 4.01 17.84
CA PRO C 8 33.74 5.26 17.53
C PRO C 8 33.58 5.71 16.07
N ASN C 9 33.30 6.99 15.87
CA ASN C 9 33.20 7.56 14.53
C ASN C 9 34.11 8.77 14.38
N MET C 10 33.52 9.92 14.03
CA MET C 10 34.22 11.19 13.78
C MET C 10 35.57 11.01 13.07
N MET D 2 -19.64 -2.39 -30.55
CA MET D 2 -19.04 -3.00 -31.73
C MET D 2 -18.38 -4.33 -31.38
N ARG D 3 -17.50 -4.28 -30.39
CA ARG D 3 -16.72 -5.44 -30.02
C ARG D 3 -16.99 -5.84 -28.57
N TYR D 4 -17.20 -7.13 -28.34
CA TYR D 4 -17.55 -7.64 -27.02
C TYR D 4 -16.65 -8.78 -26.56
N GLY D 5 -16.70 -9.10 -25.27
CA GLY D 5 -15.93 -10.18 -24.70
C GLY D 5 -16.75 -10.98 -23.70
N GLN D 6 -16.51 -12.29 -23.64
CA GLN D 6 -17.29 -13.16 -22.77
C GLN D 6 -16.45 -14.16 -22.00
N SER D 7 -17.04 -14.74 -20.95
CA SER D 7 -16.36 -15.70 -20.09
C SER D 7 -17.31 -16.81 -19.68
N PRO D 8 -16.77 -17.94 -19.18
CA PRO D 8 -17.62 -18.96 -18.56
C PRO D 8 -17.55 -18.98 -17.04
N ASN D 9 -18.70 -19.10 -16.38
CA ASN D 9 -18.74 -19.27 -14.92
C ASN D 9 -19.56 -20.51 -14.55
N MET D 10 -20.52 -20.35 -13.63
CA MET D 10 -21.34 -21.43 -13.09
C MET D 10 -20.55 -22.71 -12.82
#